data_4ZEM
#
_entry.id   4ZEM
#
_cell.length_a   138.000
_cell.length_b   138.000
_cell.length_c   146.640
_cell.angle_alpha   90.00
_cell.angle_beta   90.00
_cell.angle_gamma   120.00
#
_symmetry.space_group_name_H-M   'H 3'
#
loop_
_entity.id
_entity.type
_entity.pdbx_description
1 polymer 'Translation initiation factor eIF2b-like protein,Translation initiation factor eIF2b-like protein'
2 water water
#
_entity_poly.entity_id   1
_entity_poly.type   'polypeptide(L)'
_entity_poly.pdbx_seq_one_letter_code
;MAPSQASHTPSLATWTKSLRDQSLEASIESLIFLLKRRQVTGDECAGAIAQLLRQVVAKSKWHDVDQLLYRVQTAGARLA
RAAPHEPVIGNIVRRVLGLIRDEASENRNADDIASDAASDIQSKSMFNLLSVADPSESPVTGASTPISQAQQPFSVHALR
SEVMDGIEEILDEINQADDQIASFAEIQIHPGDYVLAYQPSKTVERFLVKAASKRRFTVILASLNPPAPGEEEQPYAALR
KKLNAAGVSTINLASNGLMAYIPRVNKVIFGAKAVYQNGGLLVDSGACIAAQAAHEYLKPVIALCGVYKFCPEDPSDEVS
RGELGNPSSYVSYADGPELDSFEVENTTTDYIPPDLVDVYLTNLGPQTRHHLGGIYADHYKIEDIGFSLQVGE
;
_entity_poly.pdbx_strand_id   A,B
#
# COMPACT_ATOMS: atom_id res chain seq x y z
N PRO A 10 -13.71 11.28 -33.19
CA PRO A 10 -12.68 12.16 -33.75
C PRO A 10 -11.58 12.49 -32.74
N SER A 11 -11.97 12.82 -31.50
CA SER A 11 -11.01 13.02 -30.41
C SER A 11 -11.52 12.42 -29.10
N LEU A 12 -10.58 12.05 -28.23
CA LEU A 12 -10.93 11.47 -26.94
C LEU A 12 -11.68 12.51 -26.09
N ALA A 13 -11.20 13.75 -26.14
CA ALA A 13 -11.82 14.85 -25.43
C ALA A 13 -13.24 15.08 -25.94
N THR A 14 -13.41 15.07 -27.26
CA THR A 14 -14.71 15.23 -27.88
C THR A 14 -15.59 14.02 -27.56
N TRP A 15 -14.98 12.83 -27.56
CA TRP A 15 -15.69 11.61 -27.24
C TRP A 15 -16.23 11.66 -25.80
N THR A 16 -15.43 12.22 -24.91
CA THR A 16 -15.77 12.29 -23.49
C THR A 16 -17.03 13.10 -23.16
N LYS A 17 -17.24 14.22 -23.86
CA LYS A 17 -18.40 15.05 -23.52
C LYS A 17 -19.61 14.84 -24.42
N SER A 18 -19.51 13.93 -25.36
CA SER A 18 -20.70 13.48 -26.07
C SER A 18 -21.27 12.27 -25.33
N LEU A 19 -20.50 11.77 -24.37
CA LEU A 19 -20.82 10.53 -23.67
C LEU A 19 -22.23 10.51 -23.05
N ARG A 20 -22.55 11.58 -22.33
CA ARG A 20 -23.78 11.63 -21.53
C ARG A 20 -25.01 12.02 -22.36
N ASP A 21 -24.79 12.64 -23.51
CA ASP A 21 -25.88 12.96 -24.44
C ASP A 21 -25.74 12.31 -25.81
N GLN A 22 -25.11 11.15 -25.84
CA GLN A 22 -25.11 10.29 -27.02
C GLN A 22 -25.79 8.97 -26.69
N SER A 23 -26.19 8.20 -27.69
CA SER A 23 -26.76 6.89 -27.39
C SER A 23 -25.63 5.95 -27.00
N LEU A 24 -25.95 4.92 -26.22
CA LEU A 24 -24.93 4.08 -25.60
C LEU A 24 -24.13 3.41 -26.70
N GLU A 25 -24.85 2.90 -27.70
CA GLU A 25 -24.25 2.17 -28.80
C GLU A 25 -23.36 3.08 -29.63
N ALA A 26 -23.77 4.33 -29.80
CA ALA A 26 -22.95 5.29 -30.50
C ALA A 26 -21.64 5.57 -29.75
N SER A 27 -21.72 5.71 -28.42
CA SER A 27 -20.52 5.93 -27.60
C SER A 27 -19.55 4.75 -27.68
N ILE A 28 -20.09 3.54 -27.60
CA ILE A 28 -19.27 2.33 -27.67
C ILE A 28 -18.58 2.26 -29.02
N GLU A 29 -19.33 2.51 -30.08
CA GLU A 29 -18.79 2.44 -31.43
C GLU A 29 -17.76 3.52 -31.75
N SER A 30 -17.96 4.72 -31.20
CA SER A 30 -16.98 5.80 -31.33
C SER A 30 -15.67 5.42 -30.66
N LEU A 31 -15.76 4.84 -29.45
CA LEU A 31 -14.56 4.43 -28.74
C LEU A 31 -13.85 3.30 -29.48
N ILE A 32 -14.62 2.37 -30.05
CA ILE A 32 -14.06 1.27 -30.82
C ILE A 32 -13.27 1.85 -31.98
N PHE A 33 -13.82 2.89 -32.59
CA PHE A 33 -13.18 3.57 -33.70
C PHE A 33 -11.85 4.20 -33.27
N LEU A 34 -11.86 4.84 -32.10
CA LEU A 34 -10.65 5.48 -31.57
C LEU A 34 -9.56 4.46 -31.27
N LEU A 35 -9.94 3.33 -30.71
CA LEU A 35 -8.98 2.28 -30.37
C LEU A 35 -8.32 1.67 -31.61
N LYS A 36 -9.12 1.41 -32.65
CA LYS A 36 -8.60 0.83 -33.90
C LYS A 36 -7.67 1.77 -34.66
N ARG A 37 -8.01 3.05 -34.73
CA ARG A 37 -7.17 4.03 -35.41
C ARG A 37 -6.02 4.41 -34.51
N ARG A 38 -6.13 3.98 -33.25
CA ARG A 38 -5.05 4.08 -32.26
C ARG A 38 -4.81 5.52 -31.86
N GLN A 39 -5.84 6.36 -32.03
CA GLN A 39 -5.81 7.72 -31.53
C GLN A 39 -5.72 7.69 -30.00
N VAL A 40 -6.33 6.66 -29.41
CA VAL A 40 -6.38 6.50 -27.95
C VAL A 40 -5.47 5.33 -27.58
N THR A 41 -4.51 5.59 -26.69
CA THR A 41 -3.46 4.61 -26.39
C THR A 41 -3.01 4.62 -24.93
N GLY A 42 -2.57 3.46 -24.45
CA GLY A 42 -1.99 3.33 -23.13
C GLY A 42 -2.89 3.59 -21.95
N ASP A 43 -2.43 4.41 -21.01
CA ASP A 43 -3.16 4.65 -19.77
C ASP A 43 -4.41 5.53 -19.92
N GLU A 44 -4.48 6.35 -20.96
CA GLU A 44 -5.66 7.18 -21.14
C GLU A 44 -6.78 6.32 -21.72
N CYS A 45 -6.37 5.17 -22.24
CA CYS A 45 -7.27 4.12 -22.67
C CYS A 45 -8.00 3.51 -21.46
N ALA A 46 -7.27 3.36 -20.35
CA ALA A 46 -7.84 2.78 -19.13
C ALA A 46 -9.03 3.60 -18.63
N GLY A 47 -8.85 4.92 -18.59
CA GLY A 47 -9.90 5.82 -18.17
C GLY A 47 -11.10 5.80 -19.10
N ALA A 48 -10.82 5.71 -20.40
CA ALA A 48 -11.89 5.69 -21.40
C ALA A 48 -12.78 4.47 -21.22
N ILE A 49 -12.18 3.33 -20.91
CA ILE A 49 -12.92 2.10 -20.66
C ILE A 49 -13.83 2.27 -19.44
N ALA A 50 -13.29 2.86 -18.38
CA ALA A 50 -14.04 3.07 -17.14
C ALA A 50 -15.26 3.96 -17.39
N GLN A 51 -15.07 5.03 -18.15
CA GLN A 51 -16.16 5.95 -18.47
C GLN A 51 -17.24 5.30 -19.34
N LEU A 52 -16.82 4.52 -20.32
CA LEU A 52 -17.76 3.82 -21.20
C LEU A 52 -18.55 2.78 -20.39
N LEU A 53 -17.85 2.04 -19.52
CA LEU A 53 -18.50 1.03 -18.71
C LEU A 53 -19.50 1.66 -17.74
N ARG A 54 -19.18 2.87 -17.26
CA ARG A 54 -20.09 3.61 -16.41
C ARG A 54 -21.38 3.93 -17.15
N GLN A 55 -21.26 4.26 -18.43
CA GLN A 55 -22.41 4.59 -19.25
C GLN A 55 -23.22 3.34 -19.57
N VAL A 56 -22.53 2.20 -19.67
CA VAL A 56 -23.18 0.92 -19.84
C VAL A 56 -24.04 0.60 -18.62
N VAL A 57 -23.50 0.81 -17.44
CA VAL A 57 -24.25 0.60 -16.20
C VAL A 57 -25.46 1.52 -16.17
N ALA A 58 -25.26 2.77 -16.58
CA ALA A 58 -26.31 3.78 -16.55
C ALA A 58 -27.41 3.60 -17.60
N LYS A 59 -27.03 3.36 -18.86
CA LYS A 59 -27.99 3.37 -19.95
C LYS A 59 -28.46 2.02 -20.48
N SER A 60 -27.69 0.94 -20.29
CA SER A 60 -28.12 -0.36 -20.79
C SER A 60 -29.35 -0.88 -20.03
N LYS A 61 -30.04 -1.86 -20.60
CA LYS A 61 -31.16 -2.54 -19.94
C LYS A 61 -30.78 -3.80 -19.17
N TRP A 62 -31.09 -3.80 -17.88
CA TRP A 62 -30.84 -4.92 -17.00
C TRP A 62 -31.72 -4.76 -15.78
N HIS A 63 -32.15 -5.87 -15.18
CA HIS A 63 -32.97 -5.78 -13.97
C HIS A 63 -32.32 -6.50 -12.80
N ASP A 64 -31.37 -7.38 -13.10
CA ASP A 64 -30.68 -8.14 -12.07
C ASP A 64 -29.18 -8.10 -12.29
N VAL A 65 -28.42 -8.30 -11.22
CA VAL A 65 -26.95 -8.22 -11.28
C VAL A 65 -26.39 -9.12 -12.38
N ASP A 66 -27.05 -10.25 -12.60
CA ASP A 66 -26.60 -11.21 -13.60
C ASP A 66 -26.66 -10.60 -15.00
N GLN A 67 -27.69 -9.82 -15.27
CA GLN A 67 -27.79 -9.16 -16.56
C GLN A 67 -26.89 -7.92 -16.64
N LEU A 68 -26.63 -7.31 -15.49
CA LEU A 68 -25.67 -6.20 -15.43
C LEU A 68 -24.26 -6.67 -15.71
N LEU A 69 -23.90 -7.82 -15.13
CA LEU A 69 -22.60 -8.43 -15.34
C LEU A 69 -22.41 -8.81 -16.80
N TYR A 70 -23.47 -9.35 -17.39
CA TYR A 70 -23.42 -9.78 -18.79
C TYR A 70 -23.21 -8.55 -19.68
N ARG A 71 -23.91 -7.46 -19.36
CA ARG A 71 -23.81 -6.23 -20.15
C ARG A 71 -22.40 -5.65 -20.15
N VAL A 72 -21.81 -5.57 -18.96
CA VAL A 72 -20.47 -5.03 -18.81
C VAL A 72 -19.44 -5.91 -19.50
N GLN A 73 -19.58 -7.22 -19.34
CA GLN A 73 -18.63 -8.15 -19.93
C GLN A 73 -18.70 -8.12 -21.45
N THR A 74 -19.91 -8.06 -21.99
CA THR A 74 -20.09 -7.99 -23.43
C THR A 74 -19.51 -6.71 -24.05
N ALA A 75 -19.76 -5.57 -23.41
CA ALA A 75 -19.22 -4.31 -23.88
C ALA A 75 -17.70 -4.31 -23.74
N GLY A 76 -17.22 -4.84 -22.62
CA GLY A 76 -15.79 -4.93 -22.37
C GLY A 76 -15.09 -5.80 -23.39
N ALA A 77 -15.74 -6.89 -23.78
CA ALA A 77 -15.20 -7.83 -24.75
C ALA A 77 -15.01 -7.16 -26.11
N ARG A 78 -15.98 -6.34 -26.50
CA ARG A 78 -15.95 -5.62 -27.77
C ARG A 78 -14.80 -4.62 -27.83
N LEU A 79 -14.64 -3.88 -26.73
CA LEU A 79 -13.58 -2.89 -26.62
C LEU A 79 -12.22 -3.57 -26.64
N ALA A 80 -12.13 -4.71 -25.96
CA ALA A 80 -10.88 -5.46 -25.90
C ALA A 80 -10.50 -5.94 -27.27
N ARG A 81 -11.49 -6.38 -28.04
CA ARG A 81 -11.28 -6.88 -29.39
C ARG A 81 -10.71 -5.82 -30.31
N ALA A 82 -11.20 -4.60 -30.17
CA ALA A 82 -10.74 -3.49 -31.00
C ALA A 82 -9.25 -3.26 -30.79
N ALA A 83 -8.79 -3.37 -29.54
CA ALA A 83 -7.39 -3.17 -29.24
C ALA A 83 -6.83 -4.33 -28.42
N PRO A 84 -6.57 -5.46 -29.09
CA PRO A 84 -6.03 -6.69 -28.46
C PRO A 84 -4.64 -6.48 -27.86
N HIS A 85 -3.88 -5.55 -28.43
CA HIS A 85 -2.55 -5.21 -27.93
C HIS A 85 -2.56 -4.55 -26.54
N GLU A 86 -3.67 -3.91 -26.19
CA GLU A 86 -3.82 -3.23 -24.90
C GLU A 86 -4.42 -4.09 -23.79
N PRO A 87 -3.59 -4.56 -22.85
CA PRO A 87 -4.12 -5.46 -21.82
C PRO A 87 -4.77 -4.76 -20.63
N VAL A 88 -4.63 -3.45 -20.53
CA VAL A 88 -5.24 -2.71 -19.43
C VAL A 88 -6.77 -2.68 -19.57
N ILE A 89 -7.27 -2.79 -20.80
CA ILE A 89 -8.71 -2.78 -21.06
C ILE A 89 -9.41 -3.91 -20.29
N GLY A 90 -8.85 -5.12 -20.40
CA GLY A 90 -9.38 -6.26 -19.68
C GLY A 90 -9.36 -6.07 -18.17
N ASN A 91 -8.30 -5.45 -17.65
CA ASN A 91 -8.19 -5.19 -16.22
C ASN A 91 -9.32 -4.32 -15.70
N ILE A 92 -9.60 -3.24 -16.41
CA ILE A 92 -10.66 -2.32 -16.00
C ILE A 92 -12.02 -3.02 -16.05
N VAL A 93 -12.24 -3.82 -17.10
CA VAL A 93 -13.48 -4.57 -17.22
C VAL A 93 -13.67 -5.49 -16.01
N ARG A 94 -12.63 -6.24 -15.66
CA ARG A 94 -12.70 -7.15 -14.52
C ARG A 94 -12.86 -6.41 -13.18
N ARG A 95 -12.22 -5.25 -13.04
CA ARG A 95 -12.39 -4.44 -11.84
C ARG A 95 -13.86 -3.99 -11.68
N VAL A 96 -14.47 -3.57 -12.79
CA VAL A 96 -15.88 -3.17 -12.76
C VAL A 96 -16.78 -4.36 -12.45
N LEU A 97 -16.47 -5.52 -13.04
CA LEU A 97 -17.21 -6.74 -12.74
C LEU A 97 -17.10 -7.09 -11.26
N GLY A 98 -15.89 -6.93 -10.71
CA GLY A 98 -15.66 -7.20 -9.30
C GLY A 98 -16.42 -6.27 -8.39
N LEU A 99 -16.43 -4.98 -8.76
CA LEU A 99 -17.15 -3.95 -8.02
C LEU A 99 -18.65 -4.24 -7.95
N ILE A 100 -19.21 -4.66 -9.09
CA ILE A 100 -20.64 -5.00 -9.17
C ILE A 100 -21.00 -6.13 -8.21
N ARG A 101 -20.17 -7.16 -8.18
CA ARG A 101 -20.42 -8.32 -7.30
C ARG A 101 -20.38 -7.91 -5.83
N ASP A 102 -19.44 -7.02 -5.51
CA ASP A 102 -19.28 -6.52 -4.15
C ASP A 102 -20.50 -5.77 -3.65
N GLU A 103 -21.02 -4.87 -4.48
CA GLU A 103 -22.15 -4.05 -4.08
C GLU A 103 -23.47 -4.83 -4.16
N ALA A 104 -23.49 -5.87 -4.97
CA ALA A 104 -24.63 -6.77 -5.05
C ALA A 104 -24.87 -7.52 -3.73
N SER A 105 -23.78 -7.93 -3.10
CA SER A 105 -23.84 -8.56 -1.78
C SER A 105 -24.37 -7.61 -0.72
N ASP A 112 -30.75 -2.11 3.86
CA ASP A 112 -31.82 -1.44 4.57
C ASP A 112 -33.17 -1.99 4.10
N ILE A 113 -33.63 -1.51 2.95
CA ILE A 113 -34.93 -1.90 2.42
C ILE A 113 -34.95 -3.38 2.00
N ALA A 114 -33.77 -3.92 1.70
CA ALA A 114 -33.66 -5.30 1.22
C ALA A 114 -33.76 -6.31 2.37
N SER A 115 -33.39 -5.90 3.58
CA SER A 115 -33.37 -6.79 4.74
C SER A 115 -34.76 -7.01 5.32
N ASP A 116 -35.61 -6.00 5.21
CA ASP A 116 -37.01 -6.12 5.59
C ASP A 116 -37.81 -6.79 4.47
N ALA A 117 -38.50 -7.88 4.80
CA ALA A 117 -39.24 -8.68 3.82
C ALA A 117 -40.28 -7.86 3.05
N ALA A 118 -40.97 -6.98 3.77
CA ALA A 118 -41.99 -6.12 3.17
C ALA A 118 -41.38 -5.18 2.13
N SER A 119 -40.38 -4.41 2.53
CA SER A 119 -39.76 -3.44 1.64
C SER A 119 -38.99 -4.13 0.52
N ASP A 120 -38.38 -5.27 0.82
CA ASP A 120 -37.65 -6.03 -0.17
C ASP A 120 -38.56 -6.43 -1.31
N ILE A 121 -39.68 -7.04 -0.96
CA ILE A 121 -40.68 -7.45 -1.94
C ILE A 121 -41.19 -6.25 -2.73
N GLN A 122 -41.50 -5.16 -2.01
CA GLN A 122 -41.96 -3.93 -2.64
C GLN A 122 -40.94 -3.35 -3.61
N SER A 123 -39.66 -3.39 -3.23
CA SER A 123 -38.61 -2.79 -4.05
C SER A 123 -38.35 -3.58 -5.33
N LYS A 124 -38.53 -4.89 -5.27
CA LYS A 124 -38.22 -5.76 -6.39
C LYS A 124 -39.31 -5.77 -7.45
N SER A 125 -40.44 -5.14 -7.15
CA SER A 125 -41.56 -5.14 -8.08
C SER A 125 -41.50 -3.98 -9.05
N MET A 126 -41.67 -4.30 -10.33
CA MET A 126 -41.65 -3.30 -11.39
C MET A 126 -42.92 -2.45 -11.42
N PHE A 127 -44.00 -2.94 -10.80
CA PHE A 127 -45.28 -2.23 -10.80
C PHE A 127 -45.62 -1.63 -9.45
N ASN A 128 -44.66 -1.65 -8.53
CA ASN A 128 -44.85 -1.11 -7.19
C ASN A 128 -44.70 0.40 -7.17
N LEU A 129 -45.25 1.05 -6.14
CA LEU A 129 -45.13 2.49 -5.98
C LEU A 129 -43.74 2.94 -5.55
N LEU A 130 -42.76 2.05 -5.60
CA LEU A 130 -41.38 2.39 -5.31
C LEU A 130 -40.56 2.39 -6.60
N SER A 131 -41.14 1.79 -7.63
CA SER A 131 -40.49 1.72 -8.93
C SER A 131 -40.74 2.97 -9.74
N VAL A 132 -41.80 3.69 -9.35
CA VAL A 132 -42.21 4.97 -9.97
C VAL A 132 -41.07 5.82 -10.52
N GLN A 152 -38.61 0.16 -13.93
CA GLN A 152 -37.39 -0.17 -13.21
C GLN A 152 -37.63 -0.28 -11.71
N PRO A 153 -37.53 -1.51 -11.16
CA PRO A 153 -37.72 -1.70 -9.72
C PRO A 153 -36.69 -0.93 -8.90
N PHE A 154 -37.06 -0.54 -7.69
CA PHE A 154 -36.20 0.25 -6.82
C PHE A 154 -34.83 -0.40 -6.62
N SER A 155 -34.83 -1.68 -6.30
CA SER A 155 -33.61 -2.45 -6.06
C SER A 155 -32.57 -2.28 -7.17
N VAL A 156 -33.04 -2.20 -8.41
CA VAL A 156 -32.18 -2.00 -9.56
C VAL A 156 -31.56 -0.63 -9.54
N HIS A 157 -32.38 0.35 -9.20
CA HIS A 157 -31.96 1.74 -9.19
C HIS A 157 -30.91 2.01 -8.11
N ALA A 158 -31.14 1.45 -6.91
CA ALA A 158 -30.22 1.67 -5.80
C ALA A 158 -28.85 1.09 -6.11
N LEU A 159 -28.84 -0.10 -6.68
CA LEU A 159 -27.59 -0.78 -7.04
C LEU A 159 -26.90 -0.02 -8.17
N ARG A 160 -27.70 0.43 -9.13
CA ARG A 160 -27.18 1.16 -10.29
C ARG A 160 -26.42 2.40 -9.84
N SER A 161 -27.00 3.13 -8.90
CA SER A 161 -26.39 4.36 -8.39
C SER A 161 -25.07 4.09 -7.69
N GLU A 162 -25.04 3.03 -6.88
CA GLU A 162 -23.84 2.69 -6.13
C GLU A 162 -22.70 2.22 -7.03
N VAL A 163 -23.05 1.45 -8.06
CA VAL A 163 -22.05 0.95 -9.00
C VAL A 163 -21.41 2.09 -9.79
N MET A 164 -22.23 3.03 -10.25
CA MET A 164 -21.72 4.17 -11.00
C MET A 164 -20.74 4.98 -10.18
N ASP A 165 -21.07 5.15 -8.90
CA ASP A 165 -20.18 5.83 -7.95
C ASP A 165 -18.84 5.11 -7.84
N GLY A 166 -18.89 3.78 -7.71
CA GLY A 166 -17.69 2.97 -7.57
C GLY A 166 -16.80 3.07 -8.81
N ILE A 167 -17.44 3.14 -9.97
CA ILE A 167 -16.71 3.30 -11.23
C ILE A 167 -16.02 4.67 -11.30
N GLU A 168 -16.64 5.70 -10.74
CA GLU A 168 -16.02 7.01 -10.69
C GLU A 168 -14.74 6.95 -9.86
N GLU A 169 -14.80 6.18 -8.79
CA GLU A 169 -13.67 5.94 -7.90
C GLU A 169 -12.53 5.21 -8.62
N ILE A 170 -12.89 4.22 -9.44
CA ILE A 170 -11.92 3.52 -10.26
C ILE A 170 -11.25 4.50 -11.21
N LEU A 171 -12.05 5.39 -11.77
CA LEU A 171 -11.56 6.43 -12.64
C LEU A 171 -10.59 7.36 -11.90
N ASP A 172 -10.92 7.72 -10.66
CA ASP A 172 -10.02 8.54 -9.86
C ASP A 172 -8.76 7.79 -9.49
N GLU A 173 -8.90 6.49 -9.24
CA GLU A 173 -7.74 5.66 -8.95
C GLU A 173 -6.76 5.67 -10.12
N ILE A 174 -7.31 5.53 -11.34
CA ILE A 174 -6.52 5.56 -12.57
C ILE A 174 -5.83 6.91 -12.80
N ASN A 175 -6.59 7.99 -12.64
CA ASN A 175 -6.05 9.32 -12.84
C ASN A 175 -4.99 9.72 -11.82
N GLN A 176 -5.12 9.23 -10.59
CA GLN A 176 -4.19 9.62 -9.55
C GLN A 176 -3.00 8.68 -9.38
N ALA A 177 -2.94 7.62 -10.18
CA ALA A 177 -1.91 6.59 -10.02
C ALA A 177 -0.49 7.12 -10.17
N ASP A 178 -0.24 7.93 -11.19
CA ASP A 178 1.12 8.45 -11.43
C ASP A 178 1.64 9.31 -10.27
N ASP A 179 0.78 10.16 -9.74
CA ASP A 179 1.16 11.00 -8.60
C ASP A 179 1.38 10.18 -7.34
N GLN A 180 0.56 9.16 -7.17
CA GLN A 180 0.71 8.30 -6.00
C GLN A 180 2.02 7.52 -6.09
N ILE A 181 2.34 7.04 -7.29
CA ILE A 181 3.61 6.35 -7.50
C ILE A 181 4.77 7.31 -7.25
N ALA A 182 4.63 8.54 -7.74
CA ALA A 182 5.67 9.56 -7.59
C ALA A 182 5.88 9.99 -6.12
N SER A 183 4.88 9.81 -5.26
CA SER A 183 5.01 10.19 -3.85
C SER A 183 6.04 9.32 -3.13
N PHE A 184 6.43 8.20 -3.73
CA PHE A 184 7.44 7.34 -3.12
C PHE A 184 8.83 7.57 -3.71
N ALA A 185 8.96 8.59 -4.57
CA ALA A 185 10.21 8.86 -5.25
C ALA A 185 11.37 9.13 -4.29
N GLU A 186 11.15 9.93 -3.25
CA GLU A 186 12.22 10.27 -2.30
C GLU A 186 12.73 9.03 -1.57
N ILE A 187 11.87 8.05 -1.40
CA ILE A 187 12.26 6.76 -0.82
C ILE A 187 13.13 5.94 -1.78
N GLN A 188 12.78 5.95 -3.05
CA GLN A 188 13.52 5.19 -4.06
C GLN A 188 14.83 5.83 -4.53
N ILE A 189 14.84 7.14 -4.69
CA ILE A 189 16.04 7.85 -5.14
C ILE A 189 16.75 8.63 -4.04
N HIS A 190 18.06 8.44 -3.95
CA HIS A 190 18.89 9.08 -2.93
C HIS A 190 19.81 10.12 -3.56
N PRO A 191 20.30 11.07 -2.73
CA PRO A 191 21.20 12.11 -3.26
C PRO A 191 22.40 11.51 -3.99
N GLY A 192 22.73 12.06 -5.16
CA GLY A 192 23.85 11.62 -5.94
C GLY A 192 23.62 10.36 -6.76
N ASP A 193 22.39 9.85 -6.73
CA ASP A 193 22.08 8.63 -7.47
C ASP A 193 22.27 8.81 -8.97
N TYR A 194 22.74 7.75 -9.61
CA TYR A 194 22.79 7.69 -11.06
C TYR A 194 21.68 6.74 -11.48
N VAL A 195 20.62 7.31 -12.06
CA VAL A 195 19.41 6.55 -12.37
C VAL A 195 19.27 6.35 -13.86
N LEU A 196 19.24 5.09 -14.27
CA LEU A 196 19.10 4.76 -15.68
C LEU A 196 17.62 4.57 -15.98
N ALA A 197 17.08 5.43 -16.84
CA ALA A 197 15.68 5.35 -17.23
C ALA A 197 15.59 4.87 -18.66
N TYR A 198 15.05 3.67 -18.85
CA TYR A 198 15.03 3.10 -20.19
C TYR A 198 13.69 3.44 -20.84
N GLN A 199 13.75 4.19 -21.94
CA GLN A 199 12.56 4.68 -22.65
C GLN A 199 11.43 5.15 -21.73
N PRO A 200 11.68 6.19 -20.93
CA PRO A 200 10.70 6.62 -19.93
C PRO A 200 9.33 7.01 -20.52
N SER A 201 8.28 6.48 -19.89
CA SER A 201 6.90 6.84 -20.20
C SER A 201 6.48 8.03 -19.36
N LYS A 202 5.21 8.46 -19.48
CA LYS A 202 4.70 9.56 -18.67
C LYS A 202 4.78 9.29 -17.18
N THR A 203 4.52 8.05 -16.78
CA THR A 203 4.59 7.67 -15.39
C THR A 203 6.01 7.85 -14.83
N VAL A 204 7.00 7.44 -15.61
CA VAL A 204 8.39 7.59 -15.22
C VAL A 204 8.79 9.06 -15.19
N GLU A 205 8.31 9.83 -16.17
CA GLU A 205 8.60 11.25 -16.23
C GLU A 205 8.08 11.96 -14.98
N ARG A 206 6.83 11.66 -14.61
N ARG A 206 6.84 11.66 -14.59
CA ARG A 206 6.21 12.22 -13.41
CA ARG A 206 6.25 12.29 -13.41
C ARG A 206 7.01 11.87 -12.17
C ARG A 206 6.99 11.87 -12.15
N PHE A 207 7.48 10.63 -12.14
CA PHE A 207 8.27 10.12 -11.05
C PHE A 207 9.62 10.83 -10.92
N LEU A 208 10.32 10.99 -12.04
CA LEU A 208 11.62 11.65 -12.03
C LEU A 208 11.53 13.13 -11.69
N VAL A 209 10.53 13.81 -12.27
CA VAL A 209 10.30 15.22 -12.01
C VAL A 209 9.97 15.50 -10.55
N LYS A 210 9.17 14.62 -9.94
CA LYS A 210 8.81 14.75 -8.54
C LYS A 210 10.05 14.55 -7.68
N ALA A 211 10.84 13.54 -8.02
CA ALA A 211 12.06 13.24 -7.28
C ALA A 211 13.02 14.41 -7.32
N ALA A 212 13.08 15.07 -8.46
CA ALA A 212 13.96 16.22 -8.67
C ALA A 212 13.62 17.35 -7.69
N SER A 213 12.35 17.47 -7.33
CA SER A 213 11.91 18.49 -6.39
C SER A 213 12.48 18.24 -5.00
N LYS A 214 12.82 16.99 -4.69
CA LYS A 214 13.32 16.66 -3.36
C LYS A 214 14.70 16.05 -3.30
N ARG A 215 15.31 15.83 -4.45
CA ARG A 215 16.61 15.16 -4.51
C ARG A 215 17.50 15.75 -5.57
N ARG A 216 18.80 15.68 -5.35
CA ARG A 216 19.77 16.10 -6.35
C ARG A 216 20.42 14.83 -6.90
N PHE A 217 20.23 14.57 -8.19
CA PHE A 217 20.74 13.32 -8.78
C PHE A 217 20.89 13.43 -10.29
N THR A 218 21.30 12.32 -10.92
CA THR A 218 21.53 12.27 -12.35
C THR A 218 20.64 11.24 -13.03
N VAL A 219 20.05 11.61 -14.15
CA VAL A 219 19.22 10.70 -14.91
C VAL A 219 19.88 10.35 -16.25
N ILE A 220 20.01 9.06 -16.52
CA ILE A 220 20.56 8.59 -17.77
C ILE A 220 19.44 8.04 -18.65
N LEU A 221 19.27 8.63 -19.82
CA LEU A 221 18.21 8.21 -20.73
C LEU A 221 18.79 7.32 -21.81
N ALA A 222 18.34 6.07 -21.85
CA ALA A 222 18.84 5.11 -22.82
C ALA A 222 17.71 4.48 -23.62
N SER A 223 17.90 4.35 -24.92
CA SER A 223 16.96 3.60 -25.74
C SER A 223 17.75 2.77 -26.73
N LEU A 224 17.39 1.50 -26.88
CA LEU A 224 18.08 0.68 -27.86
C LEU A 224 17.54 0.95 -29.26
N ASN A 225 16.28 1.37 -29.32
CA ASN A 225 15.64 1.84 -30.55
C ASN A 225 15.99 3.28 -30.90
N PRO A 226 16.90 3.49 -31.88
CA PRO A 226 17.24 4.88 -32.23
C PRO A 226 16.47 5.37 -33.44
N GLN A 234 19.38 14.03 -28.21
CA GLN A 234 18.35 14.25 -29.20
C GLN A 234 16.96 13.88 -28.65
N PRO A 235 16.83 12.58 -28.22
CA PRO A 235 15.48 12.25 -27.71
C PRO A 235 15.16 12.81 -26.34
N TYR A 236 13.87 12.91 -26.03
CA TYR A 236 13.38 13.38 -24.74
C TYR A 236 13.89 14.77 -24.38
N ALA A 237 13.90 15.65 -25.36
CA ALA A 237 14.37 17.01 -25.12
C ALA A 237 13.53 17.75 -24.10
N ALA A 238 12.22 17.59 -24.15
CA ALA A 238 11.36 18.28 -23.20
C ALA A 238 11.60 17.79 -21.78
N LEU A 239 11.70 16.49 -21.62
CA LEU A 239 11.91 15.89 -20.32
C LEU A 239 13.23 16.34 -19.75
N ARG A 240 14.25 16.34 -20.60
CA ARG A 240 15.58 16.75 -20.19
C ARG A 240 15.58 18.21 -19.78
N LYS A 241 14.87 19.03 -20.53
CA LYS A 241 14.80 20.44 -20.21
C LYS A 241 14.14 20.63 -18.86
N LYS A 242 13.08 19.88 -18.60
CA LYS A 242 12.39 19.98 -17.34
C LYS A 242 13.27 19.52 -16.17
N LEU A 243 14.00 18.43 -16.38
CA LEU A 243 14.88 17.88 -15.35
C LEU A 243 16.04 18.80 -15.01
N ASN A 244 16.63 19.38 -16.04
CA ASN A 244 17.76 20.29 -15.86
C ASN A 244 17.39 21.52 -15.05
N ALA A 245 16.19 22.04 -15.29
CA ALA A 245 15.73 23.23 -14.56
C ALA A 245 15.50 22.90 -13.09
N ALA A 246 15.13 21.66 -12.83
CA ALA A 246 14.82 21.19 -11.49
C ALA A 246 16.11 21.01 -10.68
N GLY A 247 17.23 20.87 -11.39
CA GLY A 247 18.54 20.73 -10.77
C GLY A 247 19.12 19.35 -11.05
N VAL A 248 18.48 18.59 -11.91
CA VAL A 248 18.94 17.25 -12.19
C VAL A 248 19.74 17.18 -13.48
N SER A 249 20.92 16.58 -13.39
CA SER A 249 21.78 16.35 -14.55
C SER A 249 21.22 15.21 -15.39
N THR A 250 21.38 15.33 -16.70
CA THR A 250 20.90 14.30 -17.62
C THR A 250 22.01 13.83 -18.54
N ILE A 251 22.03 12.52 -18.77
CA ILE A 251 23.02 11.90 -19.62
C ILE A 251 22.35 11.18 -20.77
N ASN A 252 22.84 11.41 -21.98
CA ASN A 252 22.40 10.67 -23.15
C ASN A 252 23.44 9.61 -23.48
N LEU A 253 22.97 8.38 -23.61
CA LEU A 253 23.83 7.24 -23.91
C LEU A 253 23.77 6.78 -25.35
N ALA A 254 24.93 6.41 -25.87
CA ALA A 254 25.01 5.91 -27.24
C ALA A 254 24.32 4.54 -27.22
N SER A 255 23.77 4.13 -28.35
CA SER A 255 23.07 2.86 -28.43
C SER A 255 23.97 1.67 -28.11
N ASN A 256 25.18 1.69 -28.66
CA ASN A 256 26.14 0.63 -28.44
C ASN A 256 26.60 0.50 -26.99
N GLY A 257 26.78 1.63 -26.34
CA GLY A 257 27.27 1.71 -24.97
C GLY A 257 26.44 1.30 -23.78
N LEU A 258 25.15 1.05 -23.96
CA LEU A 258 24.29 0.74 -22.82
C LEU A 258 24.93 -0.33 -21.93
N MET A 259 25.45 -1.37 -22.55
CA MET A 259 25.98 -2.50 -21.80
C MET A 259 27.25 -2.13 -21.05
N ALA A 260 28.06 -1.29 -21.69
CA ALA A 260 29.29 -0.79 -21.08
C ALA A 260 29.02 0.14 -19.90
N TYR A 261 27.94 0.90 -19.97
CA TYR A 261 27.72 1.98 -19.00
C TYR A 261 26.88 1.60 -17.78
N ILE A 262 26.16 0.47 -17.84
CA ILE A 262 25.32 0.04 -16.71
C ILE A 262 26.05 -0.11 -15.36
N PRO A 263 27.30 -0.62 -15.36
CA PRO A 263 28.00 -0.70 -14.06
C PRO A 263 28.11 0.62 -13.30
N ARG A 264 28.23 1.73 -14.03
CA ARG A 264 28.21 3.06 -13.42
C ARG A 264 26.93 3.35 -12.61
N VAL A 265 25.76 3.06 -13.19
CA VAL A 265 24.47 3.51 -12.63
C VAL A 265 24.14 2.85 -11.29
N ASN A 266 23.35 3.55 -10.48
CA ASN A 266 22.89 3.02 -9.19
C ASN A 266 21.66 2.12 -9.30
N LYS A 267 20.72 2.50 -10.17
CA LYS A 267 19.49 1.75 -10.34
C LYS A 267 18.90 1.97 -11.72
N VAL A 268 18.08 1.02 -12.14
CA VAL A 268 17.39 1.06 -13.42
C VAL A 268 15.88 1.09 -13.18
N ILE A 269 15.20 2.00 -13.87
CA ILE A 269 13.76 2.19 -13.72
C ILE A 269 13.04 1.99 -15.05
N PHE A 270 11.95 1.21 -15.02
CA PHE A 270 11.13 0.99 -16.20
C PHE A 270 9.66 1.30 -15.93
N GLY A 271 8.97 1.74 -16.97
CA GLY A 271 7.53 1.80 -16.90
C GLY A 271 7.04 0.44 -17.36
N ALA A 272 6.07 -0.14 -16.66
CA ALA A 272 5.51 -1.40 -17.09
C ALA A 272 4.19 -1.12 -17.79
N LYS A 273 4.01 -1.72 -18.96
CA LYS A 273 2.72 -1.66 -19.65
C LYS A 273 1.70 -2.56 -18.95
N ALA A 274 2.20 -3.65 -18.35
CA ALA A 274 1.35 -4.57 -17.60
C ALA A 274 2.17 -5.40 -16.60
N VAL A 275 1.48 -5.89 -15.58
CA VAL A 275 2.12 -6.81 -14.63
C VAL A 275 1.33 -8.11 -14.65
N TYR A 276 2.01 -9.23 -14.44
CA TYR A 276 1.36 -10.53 -14.43
C TYR A 276 1.44 -11.18 -13.07
N GLN A 277 0.60 -12.19 -12.87
CA GLN A 277 0.49 -12.87 -11.58
C GLN A 277 1.80 -13.49 -11.11
N ASN A 278 2.60 -13.97 -12.06
CA ASN A 278 3.90 -14.55 -11.77
C ASN A 278 4.96 -13.51 -11.46
N GLY A 279 4.63 -12.24 -11.67
CA GLY A 279 5.56 -11.16 -11.44
C GLY A 279 6.31 -10.72 -12.70
N GLY A 280 5.95 -11.33 -13.83
CA GLY A 280 6.51 -10.93 -15.10
C GLY A 280 5.95 -9.59 -15.52
N LEU A 281 6.64 -8.92 -16.45
CA LEU A 281 6.20 -7.59 -16.88
C LEU A 281 6.06 -7.52 -18.39
N LEU A 282 5.19 -6.62 -18.83
CA LEU A 282 5.12 -6.26 -20.24
C LEU A 282 5.76 -4.90 -20.34
N VAL A 283 6.76 -4.78 -21.22
CA VAL A 283 7.57 -3.57 -21.28
C VAL A 283 7.93 -3.22 -22.70
N ASP A 284 8.55 -2.05 -22.87
CA ASP A 284 9.05 -1.61 -24.17
C ASP A 284 10.09 -2.60 -24.67
N SER A 285 10.22 -2.73 -26.00
CA SER A 285 11.21 -3.63 -26.57
C SER A 285 12.63 -3.18 -26.20
N GLY A 286 13.47 -4.15 -25.86
CA GLY A 286 14.84 -3.89 -25.47
C GLY A 286 15.04 -3.70 -23.99
N ALA A 287 13.94 -3.56 -23.26
CA ALA A 287 14.01 -3.37 -21.81
C ALA A 287 14.55 -4.60 -21.10
N CYS A 288 14.21 -5.78 -21.61
CA CYS A 288 14.66 -7.03 -21.01
C CYS A 288 16.18 -7.15 -21.03
N ILE A 289 16.80 -6.68 -22.10
CA ILE A 289 18.25 -6.69 -22.21
C ILE A 289 18.86 -5.77 -21.14
N ALA A 290 18.26 -4.61 -20.95
CA ALA A 290 18.73 -3.67 -19.93
C ALA A 290 18.53 -4.27 -18.55
N ALA A 291 17.42 -4.97 -18.36
CA ALA A 291 17.13 -5.57 -17.08
C ALA A 291 18.17 -6.60 -16.70
N GLN A 292 18.56 -7.40 -17.68
CA GLN A 292 19.57 -8.43 -17.43
C GLN A 292 20.93 -7.85 -17.07
N ALA A 293 21.33 -6.80 -17.78
CA ALA A 293 22.61 -6.19 -17.53
C ALA A 293 22.62 -5.64 -16.12
N ALA A 294 21.52 -5.01 -15.74
CA ALA A 294 21.40 -4.46 -14.41
C ALA A 294 21.53 -5.56 -13.37
N HIS A 295 20.88 -6.68 -13.66
CA HIS A 295 20.88 -7.82 -12.76
C HIS A 295 22.27 -8.43 -12.64
N GLU A 296 22.98 -8.45 -13.77
CA GLU A 296 24.35 -8.96 -13.83
C GLU A 296 25.31 -8.14 -12.97
N TYR A 297 25.07 -6.84 -12.86
CA TYR A 297 25.94 -5.97 -12.09
C TYR A 297 25.32 -5.53 -10.76
N LEU A 298 24.33 -6.28 -10.28
CA LEU A 298 23.72 -6.05 -8.97
C LEU A 298 23.01 -4.70 -8.90
N LYS A 299 22.52 -4.23 -10.05
CA LYS A 299 21.78 -2.97 -10.06
C LYS A 299 20.30 -3.28 -9.89
N PRO A 300 19.67 -2.67 -8.88
CA PRO A 300 18.25 -2.88 -8.61
C PRO A 300 17.38 -2.46 -9.80
N VAL A 301 16.44 -3.33 -10.15
CA VAL A 301 15.53 -3.06 -11.25
C VAL A 301 14.18 -2.70 -10.65
N ILE A 302 13.72 -1.50 -10.94
CA ILE A 302 12.46 -1.01 -10.39
C ILE A 302 11.44 -0.82 -11.51
N ALA A 303 10.28 -1.42 -11.32
CA ALA A 303 9.20 -1.28 -12.29
C ALA A 303 8.12 -0.39 -11.72
N LEU A 304 7.80 0.67 -12.45
CA LEU A 304 6.72 1.57 -12.06
C LEU A 304 5.43 1.05 -12.66
N CYS A 305 4.47 0.70 -11.82
N CYS A 305 4.45 0.78 -11.82
CA CYS A 305 3.18 0.23 -12.30
CA CYS A 305 3.18 0.27 -12.31
C CYS A 305 2.05 0.49 -11.32
C CYS A 305 2.03 0.42 -11.34
N GLY A 306 0.96 1.06 -11.81
CA GLY A 306 -0.23 1.24 -11.01
C GLY A 306 -0.97 -0.09 -10.97
N VAL A 307 -1.73 -0.31 -9.91
CA VAL A 307 -2.45 -1.57 -9.71
C VAL A 307 -3.44 -1.87 -10.82
N TYR A 308 -4.00 -0.83 -11.44
CA TYR A 308 -4.92 -1.04 -12.55
C TYR A 308 -4.23 -1.71 -13.74
N LYS A 309 -2.90 -1.66 -13.79
CA LYS A 309 -2.18 -2.36 -14.84
C LYS A 309 -1.82 -3.81 -14.47
N PHE A 310 -2.22 -4.24 -13.27
CA PHE A 310 -2.04 -5.62 -12.84
C PHE A 310 -2.99 -6.58 -13.56
N CYS A 311 -2.47 -7.42 -14.46
CA CYS A 311 -3.32 -8.39 -15.15
C CYS A 311 -3.39 -9.66 -14.33
N PRO A 312 -4.61 -10.17 -14.09
CA PRO A 312 -4.87 -11.31 -13.20
C PRO A 312 -4.66 -12.66 -13.85
N GLU A 313 -3.79 -12.68 -14.85
CA GLU A 313 -3.44 -13.90 -15.58
C GLU A 313 -1.94 -14.20 -15.48
N ASP A 314 -1.56 -15.39 -15.93
CA ASP A 314 -0.16 -15.73 -16.06
C ASP A 314 0.21 -15.30 -17.46
N PRO A 315 1.51 -15.12 -17.75
CA PRO A 315 1.79 -14.57 -19.08
C PRO A 315 1.56 -15.59 -20.17
N SER A 316 0.90 -15.18 -21.25
CA SER A 316 0.66 -16.08 -22.36
C SER A 316 2.00 -16.43 -22.99
N ASP A 317 2.04 -17.53 -23.72
CA ASP A 317 3.28 -17.94 -24.36
C ASP A 317 3.71 -16.90 -25.38
N GLU A 318 2.73 -16.25 -25.99
CA GLU A 318 3.04 -15.22 -26.98
C GLU A 318 3.82 -14.12 -26.29
N VAL A 319 3.39 -13.77 -25.08
CA VAL A 319 4.05 -12.74 -24.30
C VAL A 319 5.48 -13.15 -23.93
N SER A 320 5.66 -14.41 -23.54
CA SER A 320 6.98 -14.89 -23.17
C SER A 320 7.91 -14.81 -24.37
N ARG A 321 7.38 -15.17 -25.52
CA ARG A 321 8.12 -15.12 -26.77
C ARG A 321 8.45 -13.67 -27.07
N GLY A 322 7.61 -12.77 -26.57
CA GLY A 322 7.77 -11.34 -26.79
C GLY A 322 7.03 -10.86 -28.02
N GLU A 323 6.25 -11.77 -28.60
CA GLU A 323 5.48 -11.46 -29.81
C GLU A 323 4.45 -10.36 -29.60
N LEU A 324 3.76 -10.38 -28.47
CA LEU A 324 2.74 -9.38 -28.18
C LEU A 324 3.21 -7.97 -28.52
N THR A 347 4.68 -0.58 -31.92
CA THR A 347 4.00 -1.52 -31.05
C THR A 347 4.90 -2.76 -30.98
N THR A 348 6.06 -2.58 -30.35
CA THR A 348 6.95 -3.70 -30.05
C THR A 348 7.15 -3.72 -28.54
N THR A 349 6.89 -4.89 -27.96
CA THR A 349 6.99 -5.10 -26.54
C THR A 349 7.88 -6.28 -26.21
N ASP A 350 8.46 -6.25 -25.02
CA ASP A 350 9.25 -7.36 -24.52
C ASP A 350 8.68 -7.81 -23.20
N TYR A 351 9.08 -9.00 -22.79
CA TYR A 351 8.62 -9.57 -21.54
C TYR A 351 9.82 -9.68 -20.59
N ILE A 352 9.63 -9.26 -19.35
CA ILE A 352 10.67 -9.41 -18.36
C ILE A 352 10.20 -10.42 -17.33
N PRO A 353 10.96 -11.52 -17.17
CA PRO A 353 10.60 -12.53 -16.16
C PRO A 353 10.83 -11.98 -14.75
N PRO A 354 10.14 -12.53 -13.74
CA PRO A 354 10.20 -11.99 -12.38
C PRO A 354 11.60 -12.02 -11.73
N ASP A 355 12.47 -12.94 -12.14
CA ASP A 355 13.82 -13.02 -11.59
C ASP A 355 14.62 -11.73 -11.85
N LEU A 356 14.37 -11.10 -12.99
CA LEU A 356 15.04 -9.85 -13.38
C LEU A 356 14.49 -8.60 -12.69
N VAL A 357 13.35 -8.73 -12.02
CA VAL A 357 12.73 -7.56 -11.37
C VAL A 357 12.90 -7.55 -9.84
N ASP A 358 13.32 -6.41 -9.31
CA ASP A 358 13.54 -6.30 -7.86
C ASP A 358 12.38 -5.67 -7.12
N VAL A 359 11.90 -4.53 -7.62
CA VAL A 359 10.83 -3.81 -6.95
C VAL A 359 9.68 -3.51 -7.91
N TYR A 360 8.45 -3.71 -7.46
CA TYR A 360 7.28 -3.27 -8.18
C TYR A 360 6.79 -2.04 -7.44
N LEU A 361 6.95 -0.88 -8.05
CA LEU A 361 6.59 0.34 -7.36
C LEU A 361 5.20 0.77 -7.81
N THR A 362 4.26 0.71 -6.87
CA THR A 362 2.84 0.92 -7.17
C THR A 362 2.28 2.12 -6.43
N ASN A 363 1.04 2.47 -6.74
CA ASN A 363 0.34 3.54 -6.02
C ASN A 363 0.23 3.25 -4.53
N LEU A 364 0.27 1.97 -4.19
CA LEU A 364 0.29 1.50 -2.81
C LEU A 364 1.70 1.52 -2.18
N GLY A 365 2.72 1.67 -3.02
CA GLY A 365 4.08 1.70 -2.54
C GLY A 365 4.93 0.62 -3.20
N PRO A 366 6.22 0.55 -2.86
CA PRO A 366 7.10 -0.47 -3.42
C PRO A 366 6.72 -1.86 -2.90
N GLN A 367 6.76 -2.86 -3.79
CA GLN A 367 6.36 -4.23 -3.44
C GLN A 367 7.36 -5.23 -3.97
N THR A 368 7.45 -6.39 -3.31
CA THR A 368 8.21 -7.52 -3.85
C THR A 368 7.25 -8.48 -4.55
N ARG A 369 7.78 -9.47 -5.24
CA ARG A 369 6.94 -10.45 -5.93
C ARG A 369 6.03 -11.19 -4.95
N HIS A 370 6.48 -11.40 -3.73
CA HIS A 370 5.69 -12.07 -2.69
C HIS A 370 4.47 -11.26 -2.28
N HIS A 371 4.55 -9.94 -2.38
CA HIS A 371 3.42 -9.07 -2.05
C HIS A 371 2.29 -9.09 -3.11
N LEU A 372 2.60 -9.53 -4.33
CA LEU A 372 1.65 -9.44 -5.45
C LEU A 372 0.36 -10.25 -5.27
N GLY A 373 0.49 -11.44 -4.69
CA GLY A 373 -0.67 -12.28 -4.48
C GLY A 373 -1.74 -11.59 -3.66
N GLY A 374 -1.32 -10.91 -2.59
CA GLY A 374 -2.24 -10.18 -1.75
C GLY A 374 -2.96 -9.07 -2.50
N ILE A 375 -2.21 -8.34 -3.31
CA ILE A 375 -2.74 -7.24 -4.10
C ILE A 375 -3.76 -7.75 -5.13
N TYR A 376 -3.45 -8.86 -5.79
CA TYR A 376 -4.38 -9.41 -6.76
C TYR A 376 -5.69 -9.81 -6.10
N ALA A 377 -5.61 -10.47 -4.95
CA ALA A 377 -6.80 -10.90 -4.22
C ALA A 377 -7.65 -9.71 -3.75
N ASP A 378 -7.00 -8.62 -3.38
CA ASP A 378 -7.68 -7.41 -2.93
C ASP A 378 -8.51 -6.72 -4.02
N HIS A 379 -8.07 -6.80 -5.27
CA HIS A 379 -8.73 -6.06 -6.34
C HIS A 379 -9.55 -6.90 -7.32
N TYR A 380 -9.34 -8.22 -7.32
CA TYR A 380 -10.07 -9.08 -8.26
C TYR A 380 -10.83 -10.22 -7.57
N LYS A 381 -11.94 -10.61 -8.19
CA LYS A 381 -12.76 -11.77 -7.79
C LYS A 381 -12.45 -12.95 -8.68
N ILE A 382 -12.40 -14.14 -8.09
CA ILE A 382 -12.05 -15.33 -8.84
C ILE A 382 -13.03 -15.58 -10.00
N GLU A 383 -14.29 -15.16 -9.85
CA GLU A 383 -15.28 -15.32 -10.90
C GLU A 383 -14.97 -14.49 -12.15
N ASP A 384 -14.33 -13.35 -11.94
CA ASP A 384 -14.04 -12.39 -13.01
C ASP A 384 -12.73 -12.65 -13.73
N ILE A 385 -11.92 -13.57 -13.20
CA ILE A 385 -10.63 -13.86 -13.82
C ILE A 385 -10.57 -15.29 -14.34
N GLY A 386 -9.51 -15.61 -15.07
CA GLY A 386 -9.29 -16.98 -15.54
C GLY A 386 -9.93 -17.29 -16.87
N PHE A 387 -10.43 -16.27 -17.54
CA PHE A 387 -11.06 -16.45 -18.85
C PHE A 387 -10.78 -15.20 -19.66
N SER A 388 -10.68 -15.35 -20.97
CA SER A 388 -10.48 -14.16 -21.78
C SER A 388 -11.81 -13.65 -22.25
N LEU A 389 -11.95 -12.32 -22.21
CA LEU A 389 -13.18 -11.68 -22.63
C LEU A 389 -13.35 -12.02 -24.08
N GLN A 390 -14.56 -12.42 -24.49
CA GLN A 390 -14.78 -12.65 -25.91
C GLN A 390 -16.25 -12.52 -26.32
N VAL A 391 -16.49 -11.84 -27.44
CA VAL A 391 -17.86 -11.63 -27.91
C VAL A 391 -18.33 -12.83 -28.72
N PRO B 10 -3.27 -13.25 38.44
CA PRO B 10 -3.09 -14.42 37.58
C PRO B 10 -2.00 -14.20 36.53
N SER B 11 -2.21 -14.76 35.34
CA SER B 11 -1.25 -14.65 34.25
C SER B 11 -1.96 -14.27 32.97
N LEU B 12 -1.23 -13.65 32.05
CA LEU B 12 -1.85 -13.24 30.79
C LEU B 12 -2.36 -14.46 30.06
N ALA B 13 -1.55 -15.52 30.03
CA ALA B 13 -1.96 -16.74 29.38
C ALA B 13 -3.16 -17.31 30.12
N THR B 14 -3.06 -17.28 31.45
CA THR B 14 -4.13 -17.76 32.30
C THR B 14 -5.36 -16.88 32.16
N TRP B 15 -5.12 -15.57 32.10
CA TRP B 15 -6.18 -14.59 31.97
C TRP B 15 -6.92 -14.77 30.66
N THR B 16 -6.18 -15.04 29.59
CA THR B 16 -6.77 -15.22 28.29
C THR B 16 -7.70 -16.42 28.26
N LYS B 17 -7.26 -17.53 28.84
CA LYS B 17 -8.06 -18.74 28.89
C LYS B 17 -9.33 -18.56 29.73
N SER B 18 -9.18 -17.87 30.84
CA SER B 18 -10.28 -17.60 31.78
C SER B 18 -11.27 -16.57 31.25
N LEU B 19 -10.86 -15.88 30.19
CA LEU B 19 -11.65 -14.81 29.60
C LEU B 19 -13.03 -15.19 29.05
N ARG B 20 -13.15 -16.34 28.41
CA ARG B 20 -14.43 -16.73 27.82
C ARG B 20 -15.59 -16.99 28.79
N ASP B 21 -15.34 -17.70 29.88
CA ASP B 21 -16.41 -17.99 30.84
C ASP B 21 -16.42 -17.11 32.09
N GLN B 22 -15.31 -16.40 32.31
CA GLN B 22 -15.16 -15.49 33.43
C GLN B 22 -16.08 -14.28 33.34
N SER B 23 -16.36 -13.66 34.49
CA SER B 23 -17.21 -12.49 34.52
C SER B 23 -16.48 -11.36 33.80
N LEU B 24 -17.23 -10.53 33.07
CA LEU B 24 -16.61 -9.45 32.35
C LEU B 24 -15.91 -8.49 33.28
N GLU B 25 -16.55 -8.16 34.39
CA GLU B 25 -15.96 -7.23 35.34
C GLU B 25 -14.69 -7.83 35.93
N ALA B 26 -14.73 -9.13 36.20
CA ALA B 26 -13.57 -9.81 36.78
C ALA B 26 -12.41 -9.76 35.80
N SER B 27 -12.70 -9.98 34.53
CA SER B 27 -11.66 -9.96 33.52
C SER B 27 -11.03 -8.58 33.41
N ILE B 28 -11.87 -7.55 33.43
CA ILE B 28 -11.38 -6.19 33.33
C ILE B 28 -10.52 -5.86 34.53
N GLU B 29 -10.98 -6.25 35.71
CA GLU B 29 -10.25 -6.00 36.94
C GLU B 29 -8.95 -6.77 36.94
N SER B 30 -9.00 -8.01 36.47
CA SER B 30 -7.82 -8.84 36.42
C SER B 30 -6.79 -8.24 35.47
N LEU B 31 -7.26 -7.76 34.33
CA LEU B 31 -6.39 -7.15 33.34
C LEU B 31 -5.78 -5.88 33.90
N ILE B 32 -6.60 -5.11 34.60
CA ILE B 32 -6.14 -3.87 35.18
C ILE B 32 -5.05 -4.13 36.19
N PHE B 33 -5.22 -5.20 36.97
CA PHE B 33 -4.21 -5.53 37.95
C PHE B 33 -2.92 -5.87 37.22
N LEU B 34 -3.05 -6.59 36.13
CA LEU B 34 -1.89 -6.96 35.34
C LEU B 34 -1.20 -5.73 34.78
N LEU B 35 -1.99 -4.79 34.27
CA LEU B 35 -1.41 -3.57 33.71
C LEU B 35 -0.69 -2.79 34.79
N LYS B 36 -1.32 -2.66 35.95
CA LYS B 36 -0.72 -1.95 37.06
C LYS B 36 0.51 -2.71 37.52
N ARG B 37 0.38 -4.03 37.54
CA ARG B 37 1.45 -4.93 37.93
C ARG B 37 2.60 -4.83 36.95
N ARG B 38 2.25 -4.62 35.69
CA ARG B 38 3.24 -4.52 34.61
C ARG B 38 3.66 -5.87 34.06
N GLN B 39 2.85 -6.89 34.32
CA GLN B 39 3.12 -8.23 33.80
C GLN B 39 3.09 -8.14 32.28
N VAL B 40 2.16 -7.33 31.77
CA VAL B 40 2.01 -7.10 30.34
C VAL B 40 2.63 -5.76 30.01
N THR B 41 3.45 -5.71 28.96
CA THR B 41 4.12 -4.48 28.60
C THR B 41 4.30 -4.44 27.09
N GLY B 42 4.29 -3.24 26.52
CA GLY B 42 4.53 -3.07 25.09
C GLY B 42 3.45 -3.65 24.20
N ASP B 43 3.87 -4.44 23.22
CA ASP B 43 2.97 -4.94 22.17
C ASP B 43 1.97 -5.97 22.68
N GLU B 44 2.26 -6.60 23.81
CA GLU B 44 1.35 -7.60 24.36
C GLU B 44 0.15 -6.98 25.06
N CYS B 45 0.24 -5.68 25.35
CA CYS B 45 -0.92 -4.94 25.84
C CYS B 45 -1.97 -4.86 24.75
N ALA B 46 -1.51 -4.64 23.52
CA ALA B 46 -2.40 -4.47 22.37
C ALA B 46 -3.30 -5.68 22.17
N GLY B 47 -2.71 -6.86 22.19
CA GLY B 47 -3.47 -8.08 22.03
C GLY B 47 -4.47 -8.29 23.16
N ALA B 48 -4.04 -7.98 24.38
CA ALA B 48 -4.89 -8.12 25.56
C ALA B 48 -6.08 -7.18 25.52
N ILE B 49 -5.86 -5.94 25.11
CA ILE B 49 -6.94 -4.95 25.02
C ILE B 49 -7.97 -5.38 23.99
N ALA B 50 -7.51 -5.84 22.83
CA ALA B 50 -8.40 -6.28 21.78
C ALA B 50 -9.26 -7.45 22.26
N GLN B 51 -8.63 -8.40 22.95
CA GLN B 51 -9.34 -9.56 23.47
C GLN B 51 -10.34 -9.17 24.54
N LEU B 52 -9.96 -8.25 25.41
CA LEU B 52 -10.85 -7.80 26.47
C LEU B 52 -12.05 -7.09 25.85
N LEU B 53 -11.77 -6.29 24.83
CA LEU B 53 -12.80 -5.53 24.14
C LEU B 53 -13.81 -6.43 23.45
N ARG B 54 -13.34 -7.54 22.91
CA ARG B 54 -14.24 -8.47 22.25
C ARG B 54 -15.20 -9.00 23.29
N GLN B 55 -14.68 -9.29 24.47
CA GLN B 55 -15.49 -9.80 25.57
C GLN B 55 -16.52 -8.76 25.96
N VAL B 56 -16.11 -7.51 26.01
CA VAL B 56 -16.99 -6.41 26.37
C VAL B 56 -18.12 -6.32 25.36
N VAL B 57 -17.81 -6.51 24.09
CA VAL B 57 -18.80 -6.45 23.04
C VAL B 57 -19.85 -7.54 23.22
N ALA B 58 -19.38 -8.72 23.62
CA ALA B 58 -20.23 -9.89 23.83
C ALA B 58 -21.06 -9.85 25.12
N LYS B 59 -20.43 -9.49 26.25
CA LYS B 59 -21.10 -9.61 27.55
C LYS B 59 -21.71 -8.33 28.13
N SER B 60 -21.15 -7.17 27.84
CA SER B 60 -21.82 -5.96 28.27
C SER B 60 -22.99 -5.95 27.37
N LYS B 61 -24.09 -5.29 27.69
CA LYS B 61 -25.07 -5.17 26.64
C LYS B 61 -25.75 -3.82 26.54
N TRP B 62 -26.11 -3.62 25.29
CA TRP B 62 -26.28 -2.39 24.57
C TRP B 62 -27.32 -2.79 23.54
N HIS B 63 -28.21 -1.90 23.14
CA HIS B 63 -29.17 -2.28 22.11
C HIS B 63 -29.25 -1.26 21.00
N ASP B 64 -28.37 -0.27 21.07
CA ASP B 64 -28.06 0.58 19.94
C ASP B 64 -26.56 0.86 19.91
N VAL B 65 -26.07 1.35 18.78
CA VAL B 65 -24.65 1.61 18.59
C VAL B 65 -24.10 2.62 19.60
N ASP B 66 -24.92 3.59 19.99
CA ASP B 66 -24.47 4.66 20.87
C ASP B 66 -24.05 4.19 22.26
N GLN B 67 -24.81 3.28 22.87
CA GLN B 67 -24.45 2.75 24.18
C GLN B 67 -23.39 1.66 24.02
N LEU B 68 -23.32 1.07 22.83
CA LEU B 68 -22.24 0.14 22.52
C LEU B 68 -20.93 0.89 22.50
N LEU B 69 -20.94 2.08 21.91
CA LEU B 69 -19.77 2.95 21.89
C LEU B 69 -19.40 3.38 23.31
N TYR B 70 -20.42 3.69 24.11
CA TYR B 70 -20.21 4.13 25.49
C TYR B 70 -19.54 3.05 26.33
N ARG B 71 -20.01 1.82 26.18
CA ARG B 71 -19.47 0.71 26.94
C ARG B 71 -18.00 0.49 26.59
N VAL B 72 -17.71 0.49 25.29
CA VAL B 72 -16.34 0.31 24.80
C VAL B 72 -15.43 1.45 25.28
N GLN B 73 -15.92 2.68 25.20
CA GLN B 73 -15.10 3.81 25.62
C GLN B 73 -14.87 3.78 27.13
N THR B 74 -15.91 3.44 27.89
CA THR B 74 -15.80 3.37 29.34
C THR B 74 -14.79 2.33 29.78
N ALA B 75 -14.87 1.15 29.17
CA ALA B 75 -13.93 0.07 29.45
C ALA B 75 -12.53 0.44 28.99
N GLY B 76 -12.44 1.05 27.82
CA GLY B 76 -11.16 1.48 27.28
C GLY B 76 -10.51 2.53 28.16
N ALA B 77 -11.33 3.43 28.71
CA ALA B 77 -10.80 4.49 29.54
C ALA B 77 -10.15 3.95 30.81
N ARG B 78 -10.79 3.01 31.50
CA ARG B 78 -10.22 2.48 32.74
C ARG B 78 -8.90 1.77 32.47
N LEU B 79 -8.84 1.01 31.38
CA LEU B 79 -7.61 0.31 31.01
C LEU B 79 -6.52 1.34 30.68
N ALA B 80 -6.90 2.41 30.01
CA ALA B 80 -5.97 3.48 29.67
C ALA B 80 -5.40 4.14 30.93
N ARG B 81 -6.24 4.39 31.93
CA ARG B 81 -5.78 5.04 33.16
C ARG B 81 -4.95 4.07 33.99
N ALA B 82 -5.19 2.77 33.82
CA ALA B 82 -4.41 1.73 34.48
C ALA B 82 -2.95 1.74 34.05
N ALA B 83 -2.72 1.93 32.75
CA ALA B 83 -1.36 1.98 32.22
C ALA B 83 -1.15 3.20 31.32
N PRO B 84 -0.99 4.38 31.94
CA PRO B 84 -0.77 5.62 31.20
C PRO B 84 0.51 5.59 30.37
N HIS B 85 1.49 4.81 30.84
CA HIS B 85 2.75 4.64 30.12
C HIS B 85 2.58 3.88 28.79
N GLU B 86 1.54 3.06 28.70
CA GLU B 86 1.25 2.34 27.44
C GLU B 86 0.18 3.02 26.58
N PRO B 87 0.61 3.71 25.51
CA PRO B 87 -0.32 4.46 24.65
C PRO B 87 -0.98 3.61 23.57
N VAL B 88 -0.53 2.36 23.42
CA VAL B 88 -1.10 1.47 22.43
C VAL B 88 -2.54 1.10 22.79
N ILE B 89 -2.85 1.15 24.08
CA ILE B 89 -4.18 0.85 24.58
C ILE B 89 -5.24 1.76 23.95
N GLY B 90 -4.97 3.06 23.96
CA GLY B 90 -5.88 4.03 23.37
C GLY B 90 -6.09 3.76 21.89
N ASN B 91 -5.02 3.37 21.20
CA ASN B 91 -5.11 3.09 19.77
C ASN B 91 -6.07 1.94 19.46
N ILE B 92 -5.96 0.84 20.21
CA ILE B 92 -6.81 -0.32 19.98
C ILE B 92 -8.27 0.00 20.25
N VAL B 93 -8.52 0.76 21.31
CA VAL B 93 -9.88 1.21 21.64
C VAL B 93 -10.48 2.05 20.51
N ARG B 94 -9.73 3.02 20.01
CA ARG B 94 -10.21 3.86 18.91
C ARG B 94 -10.45 3.05 17.64
N ARG B 95 -9.59 2.07 17.40
CA ARG B 95 -9.74 1.18 16.25
C ARG B 95 -11.05 0.38 16.36
N VAL B 96 -11.34 -0.12 17.55
CA VAL B 96 -12.59 -0.84 17.79
C VAL B 96 -13.80 0.08 17.65
N LEU B 97 -13.69 1.28 18.21
CA LEU B 97 -14.75 2.28 18.07
C LEU B 97 -14.99 2.64 16.62
N GLY B 98 -13.90 2.80 15.86
CA GLY B 98 -13.99 3.11 14.44
C GLY B 98 -14.66 2.00 13.66
N LEU B 99 -14.30 0.77 14.01
CA LEU B 99 -14.87 -0.43 13.40
C LEU B 99 -16.38 -0.48 13.64
N ILE B 100 -16.78 -0.17 14.86
CA ILE B 100 -18.19 -0.14 15.21
C ILE B 100 -18.94 0.88 14.36
N ARG B 101 -18.35 2.06 14.19
CA ARG B 101 -18.99 3.12 13.42
C ARG B 101 -19.16 2.76 11.94
N ASP B 102 -18.16 2.11 11.35
CA ASP B 102 -18.24 1.75 9.94
C ASP B 102 -19.40 0.80 9.67
N GLU B 103 -19.54 -0.21 10.52
CA GLU B 103 -20.56 -1.22 10.33
C GLU B 103 -21.95 -0.70 10.72
N ALA B 104 -21.97 0.38 11.50
CA ALA B 104 -23.24 1.02 11.86
C ALA B 104 -23.97 1.55 10.63
N SER B 105 -23.23 2.13 9.69
CA SER B 105 -23.79 2.56 8.41
C SER B 105 -22.74 2.60 7.32
N SER B 155 -31.18 -5.15 14.62
CA SER B 155 -30.09 -5.94 14.08
C SER B 155 -28.89 -5.98 15.03
N VAL B 156 -29.17 -6.14 16.32
CA VAL B 156 -28.12 -6.20 17.34
C VAL B 156 -27.26 -7.45 17.18
N HIS B 157 -27.89 -8.58 16.91
CA HIS B 157 -27.17 -9.85 16.79
C HIS B 157 -26.23 -9.83 15.58
N ALA B 158 -26.75 -9.33 14.46
CA ALA B 158 -25.99 -9.27 13.22
C ALA B 158 -24.80 -8.31 13.34
N LEU B 159 -25.01 -7.17 13.98
CA LEU B 159 -23.95 -6.19 14.17
C LEU B 159 -22.90 -6.70 15.16
N ARG B 160 -23.37 -7.36 16.21
CA ARG B 160 -22.50 -7.89 17.26
C ARG B 160 -21.46 -8.84 16.70
N SER B 161 -21.92 -9.74 15.83
CA SER B 161 -21.05 -10.75 15.22
C SER B 161 -19.98 -10.11 14.34
N GLU B 162 -20.38 -9.12 13.54
CA GLU B 162 -19.47 -8.46 12.62
C GLU B 162 -18.39 -7.66 13.33
N VAL B 163 -18.76 -7.02 14.43
CA VAL B 163 -17.79 -6.27 15.23
C VAL B 163 -16.78 -7.23 15.86
N MET B 164 -17.28 -8.32 16.42
CA MET B 164 -16.43 -9.35 17.01
C MET B 164 -15.52 -9.95 15.94
N ASP B 165 -16.06 -10.10 14.73
CA ASP B 165 -15.28 -10.52 13.58
C ASP B 165 -14.14 -9.52 13.33
N GLY B 166 -14.50 -8.23 13.35
CA GLY B 166 -13.55 -7.15 13.10
C GLY B 166 -12.45 -7.05 14.13
N ILE B 167 -12.80 -7.30 15.39
CA ILE B 167 -11.82 -7.25 16.46
C ILE B 167 -10.82 -8.39 16.28
N GLU B 168 -11.30 -9.52 15.78
CA GLU B 168 -10.42 -10.64 15.47
C GLU B 168 -9.44 -10.28 14.35
N GLU B 169 -9.90 -9.51 13.35
CA GLU B 169 -8.96 -9.05 12.32
C GLU B 169 -7.88 -8.17 12.92
N ILE B 170 -8.30 -7.28 13.83
CA ILE B 170 -7.38 -6.38 14.52
C ILE B 170 -6.37 -7.18 15.33
N LEU B 171 -6.85 -8.24 15.98
CA LEU B 171 -5.97 -9.12 16.73
C LEU B 171 -4.94 -9.79 15.81
N ASP B 172 -5.38 -10.22 14.63
CA ASP B 172 -4.45 -10.84 13.67
C ASP B 172 -3.48 -9.81 13.11
N GLU B 173 -3.98 -8.58 12.92
CA GLU B 173 -3.15 -7.48 12.44
C GLU B 173 -2.01 -7.19 13.43
N ILE B 174 -2.32 -7.22 14.72
CA ILE B 174 -1.32 -7.04 15.77
C ILE B 174 -0.27 -8.15 15.76
N ASN B 175 -0.75 -9.39 15.69
CA ASN B 175 0.14 -10.55 15.71
C ASN B 175 1.05 -10.67 14.49
N GLN B 176 0.54 -10.26 13.33
CA GLN B 176 1.27 -10.40 12.08
C GLN B 176 2.09 -9.18 11.66
N ALA B 177 2.07 -8.13 12.48
CA ALA B 177 2.74 -6.87 12.13
C ALA B 177 4.24 -7.03 11.93
N ASP B 178 4.91 -7.78 12.81
CA ASP B 178 6.36 -7.97 12.68
C ASP B 178 6.73 -8.68 11.38
N ASP B 179 5.99 -9.71 11.02
CA ASP B 179 6.24 -10.45 9.78
C ASP B 179 5.92 -9.59 8.56
N GLN B 180 4.86 -8.80 8.63
CA GLN B 180 4.48 -7.96 7.51
C GLN B 180 5.52 -6.89 7.26
N ILE B 181 6.02 -6.28 8.35
CA ILE B 181 7.07 -5.27 8.26
C ILE B 181 8.35 -5.87 7.67
N ALA B 182 8.67 -7.08 8.11
CA ALA B 182 9.87 -7.78 7.65
C ALA B 182 9.77 -8.17 6.18
N SER B 183 8.56 -8.32 5.65
CA SER B 183 8.39 -8.71 4.25
C SER B 183 8.93 -7.62 3.32
N PHE B 184 9.15 -6.42 3.86
CA PHE B 184 9.72 -5.33 3.08
C PHE B 184 11.24 -5.18 3.30
N ALA B 185 11.84 -6.08 4.06
CA ALA B 185 13.27 -5.94 4.42
C ALA B 185 14.18 -5.90 3.20
N GLU B 186 13.97 -6.80 2.24
CA GLU B 186 14.82 -6.86 1.04
C GLU B 186 14.77 -5.55 0.23
N ILE B 187 13.66 -4.84 0.31
CA ILE B 187 13.51 -3.51 -0.31
C ILE B 187 14.35 -2.45 0.39
N GLN B 188 14.37 -2.49 1.71
CA GLN B 188 15.13 -1.53 2.51
C GLN B 188 16.63 -1.85 2.62
N ILE B 189 16.98 -3.12 2.69
CA ILE B 189 18.38 -3.51 2.87
C ILE B 189 18.98 -4.02 1.56
N HIS B 190 20.13 -3.47 1.20
CA HIS B 190 20.81 -3.81 -0.05
C HIS B 190 22.07 -4.61 0.22
N PRO B 191 22.56 -5.36 -0.78
CA PRO B 191 23.81 -6.11 -0.61
C PRO B 191 24.98 -5.21 -0.21
N GLY B 192 25.76 -5.64 0.77
CA GLY B 192 26.93 -4.89 1.19
C GLY B 192 26.63 -3.71 2.10
N ASP B 193 25.37 -3.56 2.48
CA ASP B 193 24.96 -2.45 3.33
C ASP B 193 25.61 -2.49 4.70
N TYR B 194 25.92 -1.32 5.23
CA TYR B 194 26.31 -1.20 6.63
C TYR B 194 25.16 -0.56 7.39
N VAL B 195 24.52 -1.38 8.22
CA VAL B 195 23.30 -0.95 8.88
C VAL B 195 23.51 -0.80 10.38
N LEU B 196 23.20 0.39 10.87
CA LEU B 196 23.31 0.66 12.29
C LEU B 196 21.98 0.39 12.97
N ALA B 197 21.96 -0.60 13.86
CA ALA B 197 20.74 -0.91 14.57
C ALA B 197 20.90 -0.48 16.01
N TYR B 198 20.13 0.53 16.41
CA TYR B 198 20.26 1.08 17.75
C TYR B 198 19.28 0.41 18.69
N GLN B 199 19.81 -0.27 19.69
CA GLN B 199 19.03 -1.03 20.67
C GLN B 199 17.86 -1.77 20.04
N PRO B 200 18.15 -2.72 19.15
CA PRO B 200 17.12 -3.40 18.38
C PRO B 200 16.06 -4.05 19.26
N SER B 201 14.79 -3.84 18.91
CA SER B 201 13.69 -4.50 19.59
C SER B 201 13.43 -5.83 18.89
N LYS B 202 12.41 -6.55 19.35
CA LYS B 202 12.06 -7.83 18.74
C LYS B 202 11.68 -7.61 17.27
N THR B 203 10.97 -6.50 17.00
CA THR B 203 10.54 -6.15 15.65
C THR B 203 11.73 -5.95 14.72
N VAL B 204 12.76 -5.26 15.21
CA VAL B 204 13.96 -5.03 14.41
C VAL B 204 14.72 -6.35 14.20
N GLU B 205 14.78 -7.19 15.23
CA GLU B 205 15.45 -8.48 15.12
C GLU B 205 14.79 -9.34 14.04
N ARG B 206 13.46 -9.38 14.05
CA ARG B 206 12.71 -10.14 13.06
C ARG B 206 12.99 -9.58 11.66
N PHE B 207 13.10 -8.26 11.60
CA PHE B 207 13.39 -7.55 10.35
C PHE B 207 14.78 -7.90 9.82
N LEU B 208 15.77 -7.86 10.69
CA LEU B 208 17.15 -8.16 10.31
C LEU B 208 17.28 -9.62 9.89
N VAL B 209 16.65 -10.53 10.64
CA VAL B 209 16.71 -11.96 10.33
C VAL B 209 16.10 -12.24 8.95
N LYS B 210 14.99 -11.57 8.63
CA LYS B 210 14.38 -11.70 7.30
C LYS B 210 15.29 -11.18 6.20
N ALA B 211 15.87 -10.01 6.40
CA ALA B 211 16.75 -9.42 5.40
C ALA B 211 17.96 -10.31 5.17
N ALA B 212 18.45 -10.92 6.26
CA ALA B 212 19.59 -11.80 6.18
C ALA B 212 19.35 -13.01 5.28
N SER B 213 18.12 -13.50 5.25
CA SER B 213 17.78 -14.67 4.43
C SER B 213 17.90 -14.39 2.94
N LYS B 214 17.77 -13.13 2.55
CA LYS B 214 17.80 -12.76 1.15
C LYS B 214 18.93 -11.80 0.79
N ARG B 215 19.70 -11.39 1.79
CA ARG B 215 20.74 -10.38 1.58
C ARG B 215 21.99 -10.66 2.41
N ARG B 216 23.12 -10.23 1.86
CA ARG B 216 24.41 -10.25 2.52
C ARG B 216 24.81 -8.82 2.92
N PHE B 217 24.96 -8.59 4.21
CA PHE B 217 25.26 -7.24 4.70
C PHE B 217 25.85 -7.27 6.10
N THR B 218 26.11 -6.07 6.63
CA THR B 218 26.70 -5.94 7.95
C THR B 218 25.77 -5.18 8.89
N VAL B 219 25.62 -5.69 10.10
CA VAL B 219 24.83 -5.01 11.10
C VAL B 219 25.70 -4.51 12.24
N ILE B 220 25.55 -3.23 12.58
CA ILE B 220 26.26 -2.68 13.71
C ILE B 220 25.28 -2.49 14.86
N LEU B 221 25.55 -3.15 15.98
CA LEU B 221 24.65 -3.11 17.11
C LEU B 221 25.15 -2.05 18.08
N ALA B 222 24.30 -1.07 18.34
CA ALA B 222 24.68 0.07 19.16
C ALA B 222 23.84 0.13 20.42
N SER B 223 24.51 0.46 21.52
CA SER B 223 23.90 0.62 22.84
C SER B 223 24.40 1.88 23.51
N LEU B 224 23.56 2.46 24.35
CA LEU B 224 23.89 3.70 25.06
C LEU B 224 24.99 3.46 26.11
N ASN B 225 25.21 2.21 26.49
CA ASN B 225 26.32 1.88 27.38
C ASN B 225 27.67 2.00 26.69
N GLN B 234 29.66 -8.50 23.59
CA GLN B 234 28.92 -9.19 24.65
C GLN B 234 27.40 -9.08 24.42
N PRO B 235 26.88 -7.86 24.18
CA PRO B 235 25.40 -7.88 24.14
C PRO B 235 24.84 -8.40 22.83
N TYR B 236 23.58 -8.85 22.89
CA TYR B 236 22.83 -9.36 21.73
C TYR B 236 23.47 -10.63 21.20
N ALA B 237 23.95 -11.48 22.11
CA ALA B 237 24.66 -12.71 21.73
C ALA B 237 23.76 -13.66 20.94
N ALA B 238 22.51 -13.77 21.35
CA ALA B 238 21.53 -14.61 20.67
C ALA B 238 21.24 -14.07 19.28
N LEU B 239 21.10 -12.75 19.18
CA LEU B 239 20.85 -12.11 17.89
C LEU B 239 22.04 -12.21 16.95
N ARG B 240 23.24 -11.99 17.50
CA ARG B 240 24.46 -12.07 16.71
C ARG B 240 24.69 -13.46 16.15
N LYS B 241 24.42 -14.48 16.96
CA LYS B 241 24.62 -15.85 16.50
C LYS B 241 23.66 -16.21 15.36
N LYS B 242 22.42 -15.74 15.48
CA LYS B 242 21.41 -16.01 14.46
C LYS B 242 21.74 -15.27 13.16
N LEU B 243 22.16 -14.02 13.29
CA LEU B 243 22.58 -13.23 12.15
C LEU B 243 23.85 -13.77 11.48
N ASN B 244 24.83 -14.14 12.30
CA ASN B 244 26.07 -14.69 11.79
C ASN B 244 25.82 -15.99 11.03
N ALA B 245 24.93 -16.81 11.58
CA ALA B 245 24.57 -18.07 10.96
C ALA B 245 23.92 -17.79 9.62
N ALA B 246 23.15 -16.71 9.58
CA ALA B 246 22.45 -16.27 8.39
C ALA B 246 23.39 -15.73 7.33
N GLY B 247 24.64 -15.46 7.72
CA GLY B 247 25.61 -14.91 6.79
C GLY B 247 25.84 -13.42 6.91
N VAL B 248 25.29 -12.82 7.97
CA VAL B 248 25.45 -11.38 8.18
C VAL B 248 26.50 -11.07 9.25
N SER B 249 27.43 -10.20 8.90
CA SER B 249 28.49 -9.77 9.80
C SER B 249 27.90 -8.82 10.85
N THR B 250 28.37 -8.94 12.08
CA THR B 250 27.89 -8.09 13.14
C THR B 250 29.04 -7.43 13.89
N ILE B 251 28.86 -6.16 14.20
CA ILE B 251 29.84 -5.39 14.93
C ILE B 251 29.18 -4.84 16.19
N ASN B 252 29.86 -4.96 17.33
CA ASN B 252 29.34 -4.36 18.54
C ASN B 252 30.01 -3.02 18.76
N LEU B 253 29.19 -1.98 18.90
CA LEU B 253 29.71 -0.62 19.01
C LEU B 253 29.54 -0.06 20.42
N ALA B 254 30.61 0.55 20.94
CA ALA B 254 30.54 1.31 22.18
C ALA B 254 29.73 2.58 21.93
N SER B 255 29.12 3.12 22.98
CA SER B 255 28.47 4.43 22.90
C SER B 255 29.39 5.56 22.45
N ASN B 256 30.60 5.64 23.01
CA ASN B 256 31.54 6.70 22.64
C ASN B 256 31.86 6.65 21.13
N GLY B 257 32.06 5.45 20.60
CA GLY B 257 32.45 5.27 19.21
C GLY B 257 31.29 5.45 18.24
N LEU B 258 30.11 5.72 18.78
CA LEU B 258 28.90 5.84 17.98
C LEU B 258 29.03 6.99 16.99
N MET B 259 29.47 8.15 17.47
CA MET B 259 29.53 9.34 16.61
C MET B 259 30.66 9.27 15.59
N ALA B 260 31.78 8.69 15.99
CA ALA B 260 32.93 8.56 15.10
C ALA B 260 32.64 7.66 13.92
N TYR B 261 31.79 6.66 14.15
CA TYR B 261 31.60 5.62 13.15
C TYR B 261 30.36 5.81 12.27
N ILE B 262 29.54 6.80 12.59
CA ILE B 262 28.35 7.12 11.79
C ILE B 262 28.62 7.40 10.29
N PRO B 263 29.74 8.08 9.95
CA PRO B 263 29.99 8.36 8.51
C PRO B 263 30.01 7.15 7.55
N ARG B 264 30.49 6.02 8.08
CA ARG B 264 30.53 4.72 7.41
C ARG B 264 29.19 4.17 6.96
N VAL B 265 28.28 4.10 7.91
CA VAL B 265 27.06 3.34 7.79
C VAL B 265 26.18 3.92 6.69
N ASN B 266 25.41 3.04 6.07
CA ASN B 266 24.50 3.42 5.03
C ASN B 266 23.19 3.96 5.56
N LYS B 267 22.68 3.34 6.62
CA LYS B 267 21.39 3.75 7.16
C LYS B 267 21.29 3.40 8.64
N VAL B 268 20.40 4.08 9.34
CA VAL B 268 20.16 3.81 10.75
C VAL B 268 18.74 3.30 10.95
N ILE B 269 18.61 2.19 11.67
CA ILE B 269 17.30 1.60 11.90
C ILE B 269 17.02 1.40 13.38
N PHE B 270 15.87 1.89 13.85
CA PHE B 270 15.43 1.57 15.20
C PHE B 270 13.93 1.32 15.19
N GLY B 271 13.45 0.58 16.18
CA GLY B 271 12.02 0.36 16.35
C GLY B 271 11.37 1.51 17.09
N ALA B 272 10.17 1.85 16.65
CA ALA B 272 9.40 2.91 17.28
C ALA B 272 8.38 2.29 18.24
N LYS B 273 8.29 2.87 19.43
CA LYS B 273 7.27 2.49 20.39
C LYS B 273 5.92 3.06 19.96
N ALA B 274 5.96 4.22 19.33
CA ALA B 274 4.75 4.85 18.81
C ALA B 274 5.06 5.85 17.71
N VAL B 275 4.07 6.13 16.87
CA VAL B 275 4.14 7.17 15.86
C VAL B 275 3.00 8.15 16.14
N TYR B 276 3.21 9.43 15.85
CA TYR B 276 2.18 10.44 16.06
C TYR B 276 1.78 11.07 14.73
N GLN B 277 0.63 11.75 14.69
CA GLN B 277 0.14 12.32 13.44
C GLN B 277 1.07 13.35 12.82
N ASN B 278 1.82 14.06 13.66
CA ASN B 278 2.78 15.06 13.17
C ASN B 278 4.03 14.38 12.61
N GLY B 279 4.11 13.07 12.75
CA GLY B 279 5.26 12.33 12.27
C GLY B 279 6.33 12.13 13.32
N GLY B 280 6.04 12.59 14.54
CA GLY B 280 6.94 12.38 15.65
C GLY B 280 6.92 10.93 16.09
N LEU B 281 7.95 10.51 16.81
CA LEU B 281 8.07 9.11 17.24
C LEU B 281 8.31 8.98 18.73
N LEU B 282 7.92 7.84 19.27
CA LEU B 282 8.29 7.47 20.62
C LEU B 282 9.33 6.36 20.49
N VAL B 283 10.48 6.54 21.13
CA VAL B 283 11.61 5.63 20.95
C VAL B 283 12.36 5.37 22.24
N ASP B 284 13.30 4.41 22.17
CA ASP B 284 14.21 4.12 23.27
C ASP B 284 15.06 5.34 23.59
N SER B 285 15.44 5.48 24.86
CA SER B 285 16.26 6.60 25.28
C SER B 285 17.61 6.57 24.58
N GLY B 286 18.06 7.74 24.13
CA GLY B 286 19.34 7.86 23.46
C GLY B 286 19.25 7.68 21.96
N ALA B 287 18.09 7.23 21.47
CA ALA B 287 17.90 7.03 20.03
C ALA B 287 17.98 8.37 19.29
N CYS B 288 17.51 9.42 19.96
CA CYS B 288 17.53 10.77 19.39
C CYS B 288 18.97 11.18 19.08
N ILE B 289 19.89 10.77 19.93
CA ILE B 289 21.31 11.04 19.72
C ILE B 289 21.82 10.34 18.45
N ALA B 290 21.46 9.08 18.26
CA ALA B 290 21.87 8.34 17.08
C ALA B 290 21.23 8.90 15.80
N ALA B 291 19.96 9.27 15.89
CA ALA B 291 19.26 9.86 14.75
C ALA B 291 19.86 11.20 14.34
N GLN B 292 20.18 12.03 15.33
CA GLN B 292 20.81 13.32 15.07
C GLN B 292 22.13 13.16 14.34
N ALA B 293 22.92 12.19 14.77
CA ALA B 293 24.21 11.93 14.16
C ALA B 293 24.04 11.48 12.71
N ALA B 294 23.03 10.65 12.48
CA ALA B 294 22.75 10.14 11.13
C ALA B 294 22.47 11.28 10.15
N HIS B 295 21.66 12.24 10.59
CA HIS B 295 21.35 13.40 9.74
C HIS B 295 22.54 14.34 9.54
N GLU B 296 23.38 14.49 10.56
CA GLU B 296 24.57 15.32 10.42
C GLU B 296 25.46 14.79 9.30
N TYR B 297 25.45 13.47 9.12
CA TYR B 297 26.26 12.84 8.09
C TYR B 297 25.41 12.33 6.91
N LEU B 298 24.19 12.84 6.80
CA LEU B 298 23.30 12.58 5.66
C LEU B 298 22.88 11.11 5.54
N LYS B 299 22.81 10.41 6.66
CA LYS B 299 22.40 9.01 6.64
C LYS B 299 20.90 8.85 6.86
N PRO B 300 20.23 8.08 5.99
CA PRO B 300 18.79 7.84 6.10
C PRO B 300 18.42 7.19 7.44
N VAL B 301 17.38 7.70 8.09
CA VAL B 301 16.92 7.15 9.36
C VAL B 301 15.59 6.42 9.17
N ILE B 302 15.58 5.12 9.47
CA ILE B 302 14.40 4.30 9.27
C ILE B 302 13.83 3.82 10.58
N ALA B 303 12.55 4.10 10.79
CA ALA B 303 11.85 3.67 11.99
C ALA B 303 10.83 2.58 11.65
N LEU B 304 10.94 1.45 12.34
CA LEU B 304 10.03 0.33 12.16
C LEU B 304 8.83 0.48 13.08
N CYS B 305 7.63 0.59 12.51
CA CYS B 305 6.44 0.68 13.32
C CYS B 305 5.19 0.13 12.64
N GLY B 306 4.44 -0.72 13.36
CA GLY B 306 3.17 -1.20 12.87
C GLY B 306 2.09 -0.14 13.06
N VAL B 307 1.09 -0.16 12.18
CA VAL B 307 0.04 0.87 12.16
C VAL B 307 -0.79 0.88 13.45
N TYR B 308 -0.93 -0.27 14.10
CA TYR B 308 -1.66 -0.32 15.36
C TYR B 308 -0.98 0.53 16.44
N LYS B 309 0.30 0.81 16.22
CA LYS B 309 1.05 1.71 17.09
C LYS B 309 0.98 3.19 16.66
N PHE B 310 0.20 3.48 15.63
CA PHE B 310 -0.02 4.89 15.21
C PHE B 310 -0.94 5.63 16.19
N CYS B 311 -0.37 6.54 16.98
CA CYS B 311 -1.13 7.33 17.95
C CYS B 311 -1.69 8.62 17.34
N PRO B 312 -2.95 8.93 17.64
CA PRO B 312 -3.61 10.09 17.02
C PRO B 312 -3.31 11.41 17.73
N GLU B 313 -2.18 11.55 18.40
CA GLU B 313 -1.92 12.79 19.10
C GLU B 313 -0.99 13.63 18.25
N ASP B 314 -1.03 14.93 18.49
CA ASP B 314 -0.14 15.89 17.84
C ASP B 314 0.80 16.60 18.84
N PRO B 315 1.91 15.94 19.21
CA PRO B 315 2.87 16.48 20.17
C PRO B 315 3.81 17.52 19.57
N SER B 316 3.27 18.45 18.78
CA SER B 316 4.09 19.48 18.14
C SER B 316 4.74 20.48 19.10
N ASP B 317 4.24 20.56 20.34
CA ASP B 317 4.84 21.46 21.32
C ASP B 317 6.14 20.88 21.88
N GLU B 318 6.33 19.57 21.69
CA GLU B 318 7.53 18.87 22.14
C GLU B 318 8.75 19.21 21.30
N THR B 348 12.02 3.54 30.06
CA THR B 348 12.27 4.95 29.77
C THR B 348 12.15 5.22 28.28
N THR B 349 11.33 6.21 27.92
CA THR B 349 11.11 6.53 26.52
C THR B 349 11.43 7.99 26.23
N ASP B 350 11.85 8.28 25.01
CA ASP B 350 12.13 9.64 24.58
C ASP B 350 11.32 9.95 23.32
N TYR B 351 11.21 11.23 22.97
CA TYR B 351 10.43 11.64 21.82
C TYR B 351 11.35 12.17 20.71
N ILE B 352 11.12 11.70 19.49
CA ILE B 352 11.87 12.16 18.33
C ILE B 352 10.98 12.99 17.40
N PRO B 353 11.41 14.23 17.10
CA PRO B 353 10.66 15.07 16.17
C PRO B 353 10.76 14.48 14.76
N PRO B 354 9.78 14.76 13.89
CA PRO B 354 9.72 14.19 12.53
C PRO B 354 10.93 14.53 11.65
N ASP B 355 11.58 15.66 11.92
CA ASP B 355 12.74 16.11 11.16
C ASP B 355 13.87 15.09 11.14
N LEU B 356 13.99 14.35 12.25
CA LEU B 356 15.02 13.33 12.40
C LEU B 356 14.69 12.00 11.69
N VAL B 357 13.44 11.84 11.26
CA VAL B 357 13.03 10.59 10.61
C VAL B 357 12.79 10.72 9.10
N ASP B 358 13.35 9.78 8.34
CA ASP B 358 13.22 9.79 6.88
C ASP B 358 12.14 8.84 6.40
N VAL B 359 12.19 7.61 6.89
CA VAL B 359 11.24 6.59 6.45
C VAL B 359 10.54 5.94 7.63
N TYR B 360 9.23 5.79 7.52
CA TYR B 360 8.43 5.05 8.48
C TYR B 360 8.10 3.72 7.84
N LEU B 361 8.71 2.66 8.35
CA LEU B 361 8.50 1.35 7.73
C LEU B 361 7.42 0.60 8.48
N THR B 362 6.30 0.38 7.80
CA THR B 362 5.10 -0.17 8.42
C THR B 362 4.70 -1.50 7.78
N ASN B 363 3.68 -2.14 8.35
CA ASN B 363 3.13 -3.37 7.77
C ASN B 363 2.61 -3.16 6.36
N LEU B 364 2.22 -1.92 6.05
CA LEU B 364 1.79 -1.50 4.72
C LEU B 364 2.96 -1.19 3.77
N GLY B 365 4.15 -1.02 4.34
CA GLY B 365 5.33 -0.73 3.55
C GLY B 365 5.99 0.56 4.01
N PRO B 366 7.11 0.93 3.36
CA PRO B 366 7.78 2.17 3.74
C PRO B 366 6.96 3.41 3.40
N GLN B 367 6.96 4.39 4.30
CA GLN B 367 6.17 5.59 4.13
C GLN B 367 6.98 6.84 4.43
N THR B 368 6.63 7.95 3.82
CA THR B 368 7.19 9.24 4.20
C THR B 368 6.22 9.92 5.16
N ARG B 369 6.65 11.04 5.72
CA ARG B 369 5.82 11.84 6.61
C ARG B 369 4.50 12.27 5.93
N HIS B 370 4.59 12.54 4.63
CA HIS B 370 3.43 12.99 3.85
C HIS B 370 2.37 11.90 3.73
N HIS B 371 2.81 10.64 3.74
CA HIS B 371 1.91 9.50 3.65
C HIS B 371 1.10 9.22 4.92
N LEU B 372 1.55 9.74 6.06
CA LEU B 372 0.93 9.42 7.33
C LEU B 372 -0.54 9.84 7.42
N GLY B 373 -0.86 11.02 6.89
CA GLY B 373 -2.22 11.53 6.96
C GLY B 373 -3.24 10.56 6.38
N GLY B 374 -2.93 9.99 5.22
CA GLY B 374 -3.79 9.01 4.59
C GLY B 374 -3.99 7.77 5.44
N ILE B 375 -2.92 7.29 6.05
CA ILE B 375 -2.99 6.09 6.87
C ILE B 375 -3.86 6.30 8.12
N TYR B 376 -3.71 7.45 8.77
CA TYR B 376 -4.51 7.75 9.95
C TYR B 376 -5.99 7.84 9.60
N ALA B 377 -6.28 8.53 8.49
CA ALA B 377 -7.67 8.71 8.04
C ALA B 377 -8.30 7.36 7.72
N ASP B 378 -7.52 6.44 7.16
CA ASP B 378 -7.96 5.09 6.83
C ASP B 378 -8.31 4.23 8.05
N HIS B 379 -7.61 4.43 9.17
CA HIS B 379 -7.78 3.54 10.31
C HIS B 379 -8.54 4.14 11.50
N TYR B 380 -8.69 5.45 11.53
CA TYR B 380 -9.38 6.09 12.64
C TYR B 380 -10.53 6.94 12.13
N LYS B 381 -11.57 7.09 12.96
CA LYS B 381 -12.69 7.93 12.59
C LYS B 381 -12.51 9.29 13.28
N ILE B 382 -12.81 10.36 12.56
CA ILE B 382 -12.62 11.72 13.05
C ILE B 382 -13.41 11.97 14.35
N GLU B 383 -14.54 11.29 14.49
CA GLU B 383 -15.40 11.46 15.66
C GLU B 383 -14.73 10.95 16.93
N ASP B 384 -13.90 9.92 16.80
CA ASP B 384 -13.25 9.34 17.97
C ASP B 384 -11.91 9.95 18.36
N ILE B 385 -11.24 10.62 17.42
CA ILE B 385 -9.91 11.17 17.71
C ILE B 385 -9.86 12.69 17.61
N GLY B 386 -10.97 13.29 17.21
CA GLY B 386 -11.10 14.74 17.21
C GLY B 386 -10.59 15.50 16.00
N PHE B 387 -9.42 15.12 15.51
CA PHE B 387 -8.84 15.80 14.34
C PHE B 387 -7.98 14.89 13.49
N SER B 388 -7.97 15.13 12.19
CA SER B 388 -7.02 14.49 11.29
C SER B 388 -5.97 15.53 10.87
N LEU B 389 -4.70 15.13 10.87
CA LEU B 389 -3.60 16.00 10.48
C LEU B 389 -2.90 15.54 9.21
N GLN B 390 -2.57 16.47 8.33
CA GLN B 390 -1.78 16.15 7.16
C GLN B 390 -0.59 17.11 7.15
N VAL B 391 0.62 16.56 7.06
CA VAL B 391 1.82 17.39 7.14
C VAL B 391 2.16 17.96 5.77
N GLY B 392 2.70 19.17 5.74
CA GLY B 392 3.07 19.80 4.50
C GLY B 392 4.39 19.24 4.00
N GLU B 393 4.74 19.56 2.76
CA GLU B 393 5.98 19.09 2.17
C GLU B 393 7.08 20.12 2.31
#